data_5EYH
#
_entry.id   5EYH
#
_cell.length_a   64.505
_cell.length_b   60.331
_cell.length_c   79.939
_cell.angle_alpha   90.000
_cell.angle_beta   108.280
_cell.angle_gamma   90.000
#
_symmetry.space_group_name_H-M   'P 1 21 1'
#
loop_
_entity.id
_entity.type
_entity.pdbx_description
1 polymer 'Inositol monophosphatase'
2 non-polymer 'CALCIUM ION'
3 non-polymer GLYCEROL
4 non-polymer 'NADP NICOTINAMIDE-ADENINE-DINUCLEOTIDE PHOSPHATE'
5 water water
#
_entity_poly.entity_id   1
_entity_poly.type   'polypeptide(L)'
_entity_poly.pdbx_seq_one_letter_code
;MTDKTLQQIDKLICSWLKQIDNVIPQLIMEMTTETKRHRFDLVTNVDKQIQQQFQQFLATYFPEHQLLAEEKSNAMITNE
INHLWIMDPIDGTANLVKQQEDYCIILAYFYEGKPMLSYVYDYPHKKLYKAIRGEGAFCNGFKMEEPPSLKLEDAIISFN
AQVMNLDTVQDLFDASFSYRLVGACGLDSMRVAKGQFGAHINTNPKPWDIAAQFLFAELLNLKMTTLDGKAIDHLKGAPF
IISNKACHETVLKILNANGGYQKYR
;
_entity_poly.pdbx_strand_id   A,B
#
loop_
_chem_comp.id
_chem_comp.type
_chem_comp.name
_chem_comp.formula
CA non-polymer 'CALCIUM ION' 'Ca 2'
GOL non-polymer GLYCEROL 'C3 H8 O3'
NAP non-polymer 'NADP NICOTINAMIDE-ADENINE-DINUCLEOTIDE PHOSPHATE' 'C21 H28 N7 O17 P3'
#
# COMPACT_ATOMS: atom_id res chain seq x y z
N THR A 2 0.01 -32.63 28.63
CA THR A 2 -0.21 -31.21 29.10
C THR A 2 0.95 -30.19 28.71
N ASP A 3 2.20 -30.67 28.58
CA ASP A 3 3.32 -29.89 28.00
C ASP A 3 3.05 -29.87 26.52
N LYS A 4 3.10 -28.71 25.88
CA LYS A 4 2.79 -28.57 24.47
C LYS A 4 3.92 -28.31 23.55
N THR A 5 3.87 -28.86 22.35
CA THR A 5 4.88 -28.52 21.35
C THR A 5 4.60 -27.09 20.81
N LEU A 6 5.63 -26.50 20.21
CA LEU A 6 5.41 -25.31 19.36
C LEU A 6 4.33 -25.54 18.32
N GLN A 7 4.28 -26.69 17.71
CA GLN A 7 3.31 -26.96 16.67
CA GLN A 7 3.30 -26.96 16.67
C GLN A 7 1.87 -26.94 17.24
N GLN A 8 1.72 -27.46 18.46
CA GLN A 8 0.42 -27.51 19.10
C GLN A 8 0.00 -26.10 19.50
N ILE A 9 0.95 -25.30 19.99
CA ILE A 9 0.60 -23.90 20.30
C ILE A 9 0.20 -23.24 18.94
N ASP A 10 1.07 -23.41 17.94
CA ASP A 10 0.77 -22.79 16.67
C ASP A 10 -0.60 -23.11 16.11
N LYS A 11 -1.01 -24.38 16.24
CA LYS A 11 -2.38 -24.79 15.84
C LYS A 11 -3.44 -23.99 16.52
N LEU A 12 -3.34 -23.80 17.85
CA LEU A 12 -4.30 -23.02 18.63
C LEU A 12 -4.33 -21.54 18.12
N ILE A 13 -3.15 -20.95 17.89
CA ILE A 13 -3.14 -19.54 17.53
C ILE A 13 -3.75 -19.34 16.13
N CYS A 14 -3.30 -20.12 15.17
CA CYS A 14 -3.78 -19.99 13.79
C CYS A 14 -5.28 -20.19 13.71
N SER A 15 -5.73 -21.08 14.59
CA SER A 15 -7.17 -21.33 14.65
C SER A 15 -7.99 -20.15 15.25
N TRP A 16 -7.44 -19.53 16.28
CA TRP A 16 -8.07 -18.35 16.91
C TRP A 16 -8.07 -17.20 15.89
N LEU A 17 -7.00 -17.02 15.09
CA LEU A 17 -6.91 -16.01 14.09
C LEU A 17 -7.98 -16.16 13.01
N LYS A 18 -8.14 -17.41 12.61
CA LYS A 18 -9.18 -17.79 11.67
C LYS A 18 -10.58 -17.48 12.21
N GLN A 19 -10.89 -17.86 13.43
CA GLN A 19 -12.22 -17.52 13.94
C GLN A 19 -12.38 -15.99 14.11
N ILE A 20 -11.28 -15.29 14.28
CA ILE A 20 -11.36 -13.82 14.35
C ILE A 20 -11.91 -13.15 13.06
N ASP A 21 -11.71 -13.77 11.92
CA ASP A 21 -12.40 -13.40 10.65
C ASP A 21 -13.90 -13.32 10.79
N ASN A 22 -14.45 -14.18 11.64
CA ASN A 22 -15.87 -14.21 11.84
C ASN A 22 -16.38 -13.16 12.79
N VAL A 23 -15.50 -12.58 13.57
CA VAL A 23 -15.86 -11.47 14.50
C VAL A 23 -15.67 -10.08 13.84
N ILE A 24 -14.58 -9.90 13.08
CA ILE A 24 -14.19 -8.53 12.68
C ILE A 24 -15.16 -7.74 11.78
N PRO A 25 -15.85 -8.38 10.85
CA PRO A 25 -16.73 -7.59 9.94
C PRO A 25 -17.87 -6.88 10.70
N GLN A 26 -18.27 -7.49 11.78
CA GLN A 26 -19.27 -6.91 12.66
C GLN A 26 -18.76 -5.77 13.50
N LEU A 27 -17.52 -5.91 13.98
CA LEU A 27 -16.85 -4.79 14.75
C LEU A 27 -16.69 -3.57 13.83
N ILE A 28 -16.30 -3.78 12.58
CA ILE A 28 -16.19 -2.71 11.61
C ILE A 28 -17.55 -2.11 11.27
N MET A 29 -18.57 -2.95 11.09
CA MET A 29 -19.94 -2.42 10.93
C MET A 29 -20.31 -1.38 11.99
N GLU A 30 -20.05 -1.68 13.26
CA GLU A 30 -20.45 -0.77 14.33
C GLU A 30 -19.23 -0.03 14.87
N MET A 31 -18.31 0.31 13.97
CA MET A 31 -17.07 0.96 14.36
C MET A 31 -17.27 2.33 15.01
N THR A 32 -16.65 2.49 16.16
CA THR A 32 -16.54 3.79 16.80
C THR A 32 -15.07 4.10 17.10
N THR A 33 -14.78 5.39 17.04
CA THR A 33 -13.42 5.87 17.09
C THR A 33 -13.27 6.90 18.15
N GLU A 34 -12.13 6.87 18.81
CA GLU A 34 -11.76 7.94 19.70
C GLU A 34 -10.28 8.25 19.67
N THR A 35 -9.94 9.35 20.33
CA THR A 35 -8.57 9.77 20.46
C THR A 35 -8.04 9.21 21.74
N LYS A 36 -6.72 9.12 21.82
CA LYS A 36 -6.03 8.69 23.01
C LYS A 36 -5.18 9.88 23.44
N ARG A 37 -3.97 9.98 22.88
CA ARG A 37 -3.01 11.02 23.23
C ARG A 37 -3.32 12.39 22.61
N HIS A 38 -3.87 12.43 21.40
CA HIS A 38 -4.07 13.68 20.65
C HIS A 38 -4.81 13.37 19.35
N ARG A 39 -4.96 14.33 18.43
CA ARG A 39 -5.93 14.21 17.32
C ARG A 39 -5.56 13.15 16.30
N PHE A 40 -4.28 12.81 16.26
CA PHE A 40 -3.77 11.86 15.28
C PHE A 40 -3.42 10.51 15.90
N ASP A 41 -4.00 10.22 17.08
CA ASP A 41 -3.62 9.02 17.85
C ASP A 41 -4.88 8.28 18.28
N LEU A 42 -5.27 7.34 17.42
CA LEU A 42 -6.61 6.79 17.38
C LEU A 42 -6.70 5.39 17.96
N VAL A 43 -7.92 5.03 18.36
CA VAL A 43 -8.24 3.70 18.81
C VAL A 43 -9.71 3.46 18.53
N THR A 44 -10.07 2.20 18.24
CA THR A 44 -11.45 1.86 17.88
C THR A 44 -11.91 0.66 18.71
N ASN A 45 -13.20 0.42 18.70
CA ASN A 45 -13.75 -0.78 19.28
C ASN A 45 -13.03 -2.04 18.73
N VAL A 46 -12.59 -1.98 17.47
CA VAL A 46 -11.91 -3.12 16.87
C VAL A 46 -10.58 -3.43 17.62
N ASP A 47 -9.75 -2.42 17.81
CA ASP A 47 -8.52 -2.60 18.60
C ASP A 47 -8.81 -3.27 19.93
N LYS A 48 -9.74 -2.68 20.71
CA LYS A 48 -10.02 -3.09 22.06
C LYS A 48 -10.63 -4.45 22.20
N GLN A 49 -11.59 -4.80 21.36
CA GLN A 49 -12.25 -6.09 21.32
C GLN A 49 -11.36 -7.22 20.91
N ILE A 50 -10.58 -7.03 19.84
CA ILE A 50 -9.60 -8.06 19.43
C ILE A 50 -8.65 -8.36 20.56
N GLN A 51 -8.20 -7.30 21.25
CA GLN A 51 -7.27 -7.50 22.34
C GLN A 51 -7.90 -8.30 23.49
N GLN A 52 -9.11 -7.92 23.84
CA GLN A 52 -9.79 -8.52 24.96
C GLN A 52 -10.15 -9.96 24.76
N GLN A 53 -10.52 -10.33 23.53
CA GLN A 53 -10.75 -11.70 23.16
C GLN A 53 -9.49 -12.51 23.17
N PHE A 54 -8.35 -11.89 22.87
CA PHE A 54 -7.13 -12.62 22.95
C PHE A 54 -6.71 -12.87 24.41
N GLN A 55 -6.98 -11.90 25.24
CA GLN A 55 -6.76 -12.05 26.69
C GLN A 55 -7.58 -13.21 27.22
N GLN A 56 -8.85 -13.26 26.86
CA GLN A 56 -9.74 -14.38 27.23
CA GLN A 56 -9.73 -14.38 27.23
C GLN A 56 -9.22 -15.72 26.70
N PHE A 57 -8.82 -15.76 25.45
CA PHE A 57 -8.15 -16.94 24.86
C PHE A 57 -6.98 -17.46 25.68
N LEU A 58 -6.16 -16.56 26.12
CA LEU A 58 -5.02 -16.93 26.97
C LEU A 58 -5.49 -17.47 28.30
N ALA A 59 -6.46 -16.75 28.91
CA ALA A 59 -6.95 -17.12 30.25
C ALA A 59 -7.29 -18.65 30.20
N THR A 60 -7.79 -19.03 29.05
CA THR A 60 -8.56 -20.25 28.98
C THR A 60 -7.79 -21.41 28.39
N TYR A 61 -6.66 -21.11 27.76
CA TYR A 61 -5.76 -22.13 27.19
C TYR A 61 -4.37 -22.06 27.72
N PHE A 62 -3.91 -20.87 28.17
CA PHE A 62 -2.56 -20.65 28.55
C PHE A 62 -2.53 -19.70 29.75
N PRO A 63 -3.04 -20.12 30.85
CA PRO A 63 -3.33 -19.31 32.02
C PRO A 63 -2.09 -18.83 32.72
N GLU A 64 -0.99 -19.51 32.48
CA GLU A 64 0.24 -18.95 33.06
C GLU A 64 0.80 -17.78 32.25
N HIS A 65 0.36 -17.67 31.02
CA HIS A 65 1.06 -16.81 30.05
C HIS A 65 0.62 -15.39 30.26
N GLN A 66 1.55 -14.45 30.12
CA GLN A 66 1.17 -13.03 30.27
C GLN A 66 1.06 -12.25 28.95
N LEU A 67 0.35 -11.13 28.99
CA LEU A 67 0.16 -10.36 27.77
C LEU A 67 0.62 -8.91 27.84
N LEU A 68 1.56 -8.57 26.97
CA LEU A 68 1.94 -7.16 26.76
C LEU A 68 1.27 -6.63 25.48
N ALA A 69 0.34 -5.68 25.62
CA ALA A 69 -0.39 -5.19 24.45
C ALA A 69 -0.72 -3.74 24.46
N GLU A 70 -1.04 -3.19 23.30
CA GLU A 70 -1.14 -1.74 23.19
C GLU A 70 -2.22 -1.12 24.05
N GLU A 71 -3.39 -1.76 24.11
CA GLU A 71 -4.58 -1.08 24.70
C GLU A 71 -4.79 -1.47 26.18
N LYS A 72 -3.73 -1.76 26.89
CA LYS A 72 -3.79 -2.04 28.32
C LYS A 72 -2.57 -1.47 28.94
N SER A 73 -2.63 -1.31 30.27
CA SER A 73 -1.45 -0.98 30.99
C SER A 73 -0.52 -2.18 30.95
N ASN A 74 0.78 -1.92 30.86
CA ASN A 74 1.77 -2.97 30.89
C ASN A 74 2.81 -2.79 31.99
N ALA A 75 2.43 -2.03 33.03
CA ALA A 75 3.31 -1.70 34.18
C ALA A 75 3.82 -2.94 34.88
N MET A 76 2.93 -3.92 35.04
CA MET A 76 3.26 -5.24 35.65
C MET A 76 4.13 -6.22 34.82
N ILE A 77 4.62 -5.84 33.63
CA ILE A 77 5.43 -6.75 32.79
C ILE A 77 6.92 -6.57 33.07
N THR A 78 7.60 -7.67 33.37
CA THR A 78 9.02 -7.62 33.76
C THR A 78 9.96 -8.35 32.81
N ASN A 79 11.26 -8.14 33.03
CA ASN A 79 12.30 -8.79 32.22
C ASN A 79 12.40 -10.29 32.44
N GLU A 80 11.93 -10.84 33.57
CA GLU A 80 12.13 -12.27 33.81
C GLU A 80 10.78 -12.99 33.89
N ILE A 81 10.04 -12.93 32.81
CA ILE A 81 8.74 -13.57 32.65
C ILE A 81 8.86 -14.75 31.67
N ASN A 82 8.36 -15.90 32.12
CA ASN A 82 8.57 -17.17 31.40
C ASN A 82 7.89 -17.23 30.03
N HIS A 83 6.57 -17.11 30.09
CA HIS A 83 5.71 -17.17 28.95
C HIS A 83 5.06 -15.80 28.69
N LEU A 84 5.48 -15.14 27.60
CA LEU A 84 4.98 -13.80 27.28
C LEU A 84 4.48 -13.72 25.86
N TRP A 85 3.32 -13.14 25.71
CA TRP A 85 2.79 -12.73 24.42
C TRP A 85 2.85 -11.21 24.29
N ILE A 86 3.37 -10.71 23.18
CA ILE A 86 3.21 -9.31 22.81
C ILE A 86 2.22 -9.21 21.68
N MET A 87 1.23 -8.33 21.84
CA MET A 87 0.20 -8.20 20.84
C MET A 87 -0.02 -6.76 20.39
N ASP A 88 -0.11 -6.54 19.07
CA ASP A 88 -0.79 -5.34 18.59
C ASP A 88 -2.13 -5.71 17.96
N PRO A 89 -3.24 -5.42 18.65
CA PRO A 89 -4.49 -6.02 18.17
C PRO A 89 -4.91 -5.53 16.82
N ILE A 90 -4.72 -4.22 16.57
CA ILE A 90 -4.75 -3.70 15.19
C ILE A 90 -3.48 -2.86 15.05
N ASP A 91 -2.59 -3.26 14.15
CA ASP A 91 -1.47 -2.44 13.75
C ASP A 91 -1.88 -1.77 12.46
N GLY A 92 -1.82 -0.45 12.40
CA GLY A 92 -2.46 0.26 11.29
C GLY A 92 -3.84 0.81 11.56
N THR A 93 -4.08 1.28 12.77
CA THR A 93 -5.42 1.81 13.14
C THR A 93 -5.88 2.93 12.19
N ALA A 94 -4.96 3.79 11.78
CA ALA A 94 -5.28 4.85 10.86
C ALA A 94 -5.81 4.25 9.57
N ASN A 95 -5.13 3.23 9.03
CA ASN A 95 -5.60 2.53 7.84
C ASN A 95 -6.94 1.85 8.06
N LEU A 96 -7.14 1.22 9.21
CA LEU A 96 -8.45 0.64 9.52
C LEU A 96 -9.58 1.67 9.39
N VAL A 97 -9.37 2.82 10.03
CA VAL A 97 -10.37 3.86 10.13
C VAL A 97 -10.62 4.51 8.79
N LYS A 98 -9.54 4.95 8.14
CA LYS A 98 -9.68 5.69 6.85
C LYS A 98 -9.92 4.79 5.68
N GLN A 99 -9.48 3.53 5.73
CA GLN A 99 -9.45 2.74 4.50
C GLN A 99 -10.12 1.39 4.61
N GLN A 100 -10.29 0.90 5.85
CA GLN A 100 -10.68 -0.51 6.05
C GLN A 100 -9.82 -1.46 5.27
N GLU A 101 -8.54 -1.16 5.23
CA GLU A 101 -7.58 -1.97 4.46
C GLU A 101 -6.19 -1.66 4.92
N ASP A 102 -5.20 -2.51 4.62
CA ASP A 102 -3.82 -2.25 5.00
C ASP A 102 -3.63 -2.11 6.51
N TYR A 103 -4.20 -3.09 7.22
CA TYR A 103 -3.91 -3.20 8.63
C TYR A 103 -3.75 -4.69 8.96
N CYS A 104 -3.22 -4.97 10.16
CA CYS A 104 -2.91 -6.32 10.51
C CYS A 104 -3.01 -6.52 12.02
N ILE A 105 -3.05 -7.79 12.41
CA ILE A 105 -2.87 -8.18 13.79
C ILE A 105 -1.46 -8.70 14.00
N ILE A 106 -0.81 -8.22 15.06
CA ILE A 106 0.54 -8.70 15.42
C ILE A 106 0.54 -9.51 16.73
N LEU A 107 1.14 -10.68 16.69
CA LEU A 107 1.30 -11.59 17.87
C LEU A 107 2.69 -12.15 17.89
N ALA A 108 3.29 -12.20 19.06
CA ALA A 108 4.62 -12.79 19.18
C ALA A 108 4.73 -13.40 20.56
N TYR A 109 5.20 -14.65 20.60
CA TYR A 109 5.38 -15.46 21.80
C TYR A 109 6.87 -15.62 22.14
N PHE A 110 7.18 -15.15 23.34
CA PHE A 110 8.54 -15.30 23.86
C PHE A 110 8.56 -16.23 25.06
N TYR A 111 9.44 -17.22 25.00
CA TYR A 111 9.63 -18.18 26.06
C TYR A 111 10.99 -17.91 26.74
N GLU A 112 10.97 -17.43 28.00
CA GLU A 112 12.16 -17.01 28.71
C GLU A 112 12.99 -15.99 27.89
N GLY A 113 12.24 -15.08 27.28
CA GLY A 113 12.81 -14.00 26.51
C GLY A 113 13.25 -14.27 25.09
N LYS A 114 13.13 -15.52 24.64
CA LYS A 114 13.59 -15.96 23.32
C LYS A 114 12.38 -16.13 22.40
N PRO A 115 12.37 -15.45 21.24
CA PRO A 115 11.15 -15.56 20.37
C PRO A 115 10.96 -16.98 19.82
N MET A 116 9.75 -17.51 19.91
CA MET A 116 9.41 -18.87 19.50
C MET A 116 8.34 -18.92 18.42
N LEU A 117 7.36 -18.01 18.50
CA LEU A 117 6.29 -17.90 17.53
C LEU A 117 5.97 -16.45 17.21
N SER A 118 5.68 -16.18 15.93
CA SER A 118 5.32 -14.83 15.50
C SER A 118 4.27 -14.88 14.43
N TYR A 119 3.43 -13.87 14.41
CA TYR A 119 2.29 -13.80 13.52
C TYR A 119 2.08 -12.35 13.05
N VAL A 120 1.88 -12.16 11.77
CA VAL A 120 1.34 -10.92 11.19
C VAL A 120 0.18 -11.32 10.31
N TYR A 121 -1.03 -11.07 10.78
CA TYR A 121 -2.22 -11.46 10.04
C TYR A 121 -2.74 -10.28 9.26
N ASP A 122 -2.50 -10.32 7.96
CA ASP A 122 -3.06 -9.31 7.07
C ASP A 122 -4.51 -9.74 6.79
N TYR A 123 -5.41 -9.26 7.65
CA TYR A 123 -6.76 -9.76 7.64
C TYR A 123 -7.52 -9.31 6.38
N PRO A 124 -7.37 -8.04 5.94
CA PRO A 124 -8.00 -7.62 4.68
C PRO A 124 -7.64 -8.44 3.45
N HIS A 125 -6.42 -8.98 3.36
CA HIS A 125 -6.13 -9.85 2.24
C HIS A 125 -6.11 -11.30 2.61
N LYS A 126 -6.45 -11.60 3.88
CA LYS A 126 -6.52 -13.03 4.30
C LYS A 126 -5.15 -13.71 4.09
N LYS A 127 -4.07 -13.04 4.49
CA LYS A 127 -2.74 -13.58 4.36
C LYS A 127 -2.12 -13.64 5.77
N LEU A 128 -1.92 -14.87 6.25
CA LEU A 128 -1.35 -15.10 7.58
C LEU A 128 0.14 -15.34 7.43
N TYR A 129 0.94 -14.33 7.77
CA TYR A 129 2.38 -14.55 7.88
C TYR A 129 2.69 -15.15 9.21
N LYS A 130 3.45 -16.23 9.24
CA LYS A 130 3.85 -16.78 10.54
C LYS A 130 5.27 -17.29 10.53
N ALA A 131 5.89 -17.25 11.69
CA ALA A 131 7.24 -17.72 11.92
C ALA A 131 7.26 -18.65 13.13
N ILE A 132 7.84 -19.83 12.97
CA ILE A 132 7.92 -20.84 13.98
C ILE A 132 9.34 -21.33 14.12
N ARG A 133 9.98 -21.13 15.30
CA ARG A 133 11.34 -21.62 15.51
CA ARG A 133 11.34 -21.62 15.51
C ARG A 133 11.40 -23.14 15.24
N GLY A 134 12.41 -23.61 14.52
CA GLY A 134 12.50 -25.01 14.14
C GLY A 134 11.75 -25.38 12.89
N GLU A 135 10.70 -24.66 12.51
CA GLU A 135 9.95 -24.99 11.26
C GLU A 135 10.21 -24.01 10.10
N GLY A 136 10.18 -22.70 10.39
CA GLY A 136 10.49 -21.66 9.37
C GLY A 136 9.39 -20.60 9.34
N ALA A 137 9.37 -19.80 8.28
CA ALA A 137 8.41 -18.73 8.11
C ALA A 137 7.54 -19.02 6.93
N PHE A 138 6.28 -18.61 7.01
CA PHE A 138 5.31 -18.99 6.03
C PHE A 138 4.27 -17.88 5.76
N CYS A 139 3.73 -17.88 4.57
CA CYS A 139 2.60 -17.02 4.23
C CYS A 139 1.50 -17.94 3.80
N ASN A 140 0.43 -18.04 4.60
CA ASN A 140 -0.63 -19.03 4.31
C ASN A 140 -0.04 -20.40 4.04
N GLY A 141 0.92 -20.79 4.86
CA GLY A 141 1.53 -22.10 4.57
C GLY A 141 2.33 -22.28 3.29
N PHE A 142 2.52 -21.22 2.47
CA PHE A 142 3.64 -21.25 1.51
C PHE A 142 4.90 -20.87 2.32
N LYS A 143 6.00 -21.62 2.25
CA LYS A 143 7.20 -21.35 3.01
C LYS A 143 8.00 -20.17 2.39
N MET A 144 8.36 -19.20 3.24
CA MET A 144 9.14 -18.06 2.86
C MET A 144 10.62 -18.40 2.95
N GLU A 145 11.43 -17.83 2.09
CA GLU A 145 12.91 -18.02 2.20
C GLU A 145 13.64 -16.71 2.18
N GLU A 146 14.86 -16.71 2.66
CA GLU A 146 15.68 -15.52 2.62
C GLU A 146 15.60 -14.81 1.26
N PRO A 147 15.32 -13.51 1.26
CA PRO A 147 15.20 -12.76 -0.03
C PRO A 147 16.56 -12.57 -0.71
N PRO A 148 16.58 -12.31 -2.05
CA PRO A 148 17.88 -11.95 -2.73
C PRO A 148 18.45 -10.67 -2.11
N SER A 149 19.76 -10.52 -2.20
CA SER A 149 20.41 -9.31 -1.80
C SER A 149 19.83 -8.14 -2.57
N LEU A 150 19.58 -7.04 -1.87
CA LEU A 150 19.16 -5.82 -2.49
C LEU A 150 20.05 -4.71 -1.95
N LYS A 151 20.84 -4.15 -2.85
CA LYS A 151 21.52 -2.92 -2.56
C LYS A 151 20.50 -1.79 -2.49
N LEU A 152 20.81 -0.72 -1.82
CA LEU A 152 19.78 0.31 -1.62
C LEU A 152 19.35 0.97 -2.89
N GLU A 153 20.32 1.10 -3.79
CA GLU A 153 20.04 1.81 -5.05
C GLU A 153 19.04 1.03 -5.90
N ASP A 154 18.94 -0.30 -5.66
CA ASP A 154 18.04 -1.19 -6.40
C ASP A 154 16.73 -1.48 -5.65
N ALA A 155 16.50 -0.84 -4.49
CA ALA A 155 15.46 -1.29 -3.61
C ALA A 155 14.50 -0.21 -3.28
N ILE A 156 13.25 -0.62 -2.99
CA ILE A 156 12.23 0.32 -2.51
C ILE A 156 12.41 0.47 -1.03
N ILE A 157 12.35 1.70 -0.50
CA ILE A 157 12.33 1.83 0.96
C ILE A 157 11.00 2.37 1.42
N SER A 158 10.75 2.09 2.70
CA SER A 158 9.57 2.56 3.37
C SER A 158 9.90 3.16 4.73
N PHE A 159 9.33 4.33 5.01
CA PHE A 159 9.53 5.01 6.27
C PHE A 159 8.50 6.12 6.34
N ASN A 160 8.29 6.65 7.54
CA ASN A 160 7.43 7.81 7.74
C ASN A 160 8.29 9.08 7.55
N ALA A 161 8.01 9.79 6.47
CA ALA A 161 8.76 10.98 6.09
C ALA A 161 8.36 12.20 6.94
N GLN A 162 7.30 12.11 7.76
CA GLN A 162 6.75 13.26 8.47
C GLN A 162 7.47 13.47 9.77
N VAL A 163 8.25 12.47 10.14
CA VAL A 163 8.77 12.38 11.45
C VAL A 163 10.30 12.52 11.47
N MET A 164 10.87 12.68 10.29
CA MET A 164 12.26 12.92 10.08
C MET A 164 12.41 14.33 9.48
N ASN A 165 13.64 14.81 9.68
CA ASN A 165 13.98 16.09 9.02
C ASN A 165 13.99 15.83 7.49
N LEU A 166 13.81 16.93 6.75
CA LEU A 166 13.57 16.85 5.31
C LEU A 166 14.89 16.56 4.61
N ASP A 167 16.00 16.94 5.20
CA ASP A 167 17.29 16.77 4.54
C ASP A 167 17.59 15.28 4.45
N THR A 168 17.48 14.59 5.59
CA THR A 168 17.70 13.15 5.58
C THR A 168 16.69 12.35 4.78
N VAL A 169 15.44 12.83 4.77
CA VAL A 169 14.42 12.22 3.93
C VAL A 169 14.86 12.25 2.45
N GLN A 170 15.26 13.45 2.02
CA GLN A 170 15.78 13.65 0.65
C GLN A 170 16.96 12.75 0.36
N ASP A 171 17.90 12.61 1.29
CA ASP A 171 19.06 11.72 1.07
C ASP A 171 18.60 10.31 0.84
N LEU A 172 17.57 9.87 1.59
CA LEU A 172 17.05 8.50 1.47
C LEU A 172 16.38 8.30 0.10
N PHE A 173 15.62 9.30 -0.32
CA PHE A 173 14.98 9.30 -1.66
C PHE A 173 16.03 9.20 -2.73
N ASP A 174 17.06 10.01 -2.67
CA ASP A 174 18.15 9.98 -3.71
C ASP A 174 18.89 8.63 -3.74
N ALA A 175 19.04 8.00 -2.58
CA ALA A 175 19.83 6.77 -2.54
C ALA A 175 19.09 5.49 -2.83
N SER A 176 17.77 5.54 -2.88
CA SER A 176 16.96 4.31 -3.05
C SER A 176 16.35 4.30 -4.43
N PHE A 177 15.82 3.15 -4.82
CA PHE A 177 15.27 3.03 -6.15
C PHE A 177 13.95 3.77 -6.23
N SER A 178 13.11 3.55 -5.21
CA SER A 178 11.85 4.29 -5.04
C SER A 178 11.38 4.21 -3.57
N TYR A 179 10.31 4.92 -3.28
CA TYR A 179 9.76 5.06 -1.92
C TYR A 179 8.31 4.68 -1.94
N ARG A 180 7.92 3.83 -1.02
CA ARG A 180 6.53 3.38 -0.90
C ARG A 180 6.17 3.39 0.56
N LEU A 181 4.87 3.44 0.86
CA LEU A 181 4.44 3.34 2.26
C LEU A 181 3.10 2.68 2.40
N VAL A 182 3.07 1.53 3.08
CA VAL A 182 1.81 0.84 3.35
C VAL A 182 1.15 1.48 4.59
N GLY A 183 1.95 1.77 5.61
CA GLY A 183 1.47 2.54 6.78
C GLY A 183 1.07 1.67 7.97
N ALA A 184 1.42 0.42 7.95
CA ALA A 184 1.32 -0.43 9.11
C ALA A 184 2.67 -1.10 9.27
N CYS A 185 3.34 -0.89 10.41
CA CYS A 185 4.67 -1.46 10.65
C CYS A 185 4.77 -2.94 10.28
N GLY A 186 3.80 -3.73 10.75
CA GLY A 186 3.77 -5.13 10.43
C GLY A 186 3.78 -5.43 8.94
N LEU A 187 3.02 -4.66 8.19
CA LEU A 187 2.92 -4.97 6.74
C LEU A 187 4.13 -4.44 5.95
N ASP A 188 4.55 -3.23 6.28
CA ASP A 188 5.74 -2.69 5.65
C ASP A 188 6.93 -3.59 5.95
N SER A 189 6.94 -4.15 7.17
CA SER A 189 8.06 -5.08 7.57
C SER A 189 7.97 -6.36 6.76
N MET A 190 6.76 -6.87 6.55
CA MET A 190 6.64 -8.10 5.78
C MET A 190 7.04 -7.90 4.33
N ARG A 191 6.84 -6.70 3.79
CA ARG A 191 7.35 -6.42 2.46
C ARG A 191 8.88 -6.58 2.40
N VAL A 192 9.55 -6.24 3.50
CA VAL A 192 11.03 -6.40 3.57
C VAL A 192 11.33 -7.90 3.60
N ALA A 193 10.55 -8.65 4.42
CA ALA A 193 10.81 -10.08 4.58
C ALA A 193 10.61 -10.83 3.26
N LYS A 194 9.63 -10.31 2.47
CA LYS A 194 9.28 -10.96 1.19
C LYS A 194 10.23 -10.53 0.08
N GLY A 195 11.11 -9.57 0.35
CA GLY A 195 11.98 -9.06 -0.73
C GLY A 195 11.35 -7.98 -1.64
N GLN A 196 10.15 -7.51 -1.31
CA GLN A 196 9.52 -6.43 -2.03
C GLN A 196 10.10 -5.05 -1.71
N PHE A 197 10.41 -4.75 -0.45
CA PHE A 197 11.15 -3.59 -0.03
C PHE A 197 12.55 -3.98 0.45
N GLY A 198 13.51 -3.07 0.31
CA GLY A 198 14.84 -3.25 0.89
C GLY A 198 14.86 -3.07 2.38
N ALA A 199 14.03 -2.18 2.91
CA ALA A 199 14.11 -1.77 4.31
C ALA A 199 12.88 -1.04 4.69
N HIS A 200 12.52 -1.11 5.95
CA HIS A 200 11.49 -0.32 6.57
C HIS A 200 12.01 0.26 7.84
N ILE A 201 11.66 1.53 8.11
CA ILE A 201 12.16 2.25 9.29
C ILE A 201 11.00 2.73 10.10
N ASN A 202 11.03 2.53 11.41
CA ASN A 202 10.12 3.23 12.31
C ASN A 202 10.99 3.78 13.44
N THR A 203 10.94 5.11 13.57
CA THR A 203 11.88 5.82 14.44
C THR A 203 11.44 5.80 15.87
N ASN A 204 10.26 5.32 16.18
CA ASN A 204 9.84 5.33 17.55
C ASN A 204 8.76 4.26 17.86
N PRO A 205 9.11 2.98 17.63
CA PRO A 205 8.10 1.97 17.79
C PRO A 205 7.89 1.52 19.23
N LYS A 206 6.70 1.01 19.55
CA LYS A 206 6.47 0.38 20.83
C LYS A 206 6.80 -1.10 20.67
N PRO A 207 6.85 -1.84 21.78
CA PRO A 207 7.13 -3.29 21.62
C PRO A 207 6.18 -4.04 20.74
N TRP A 208 4.90 -3.69 20.75
CA TRP A 208 3.89 -4.37 19.93
C TRP A 208 3.99 -4.05 18.43
N ASP A 209 4.54 -2.90 18.06
CA ASP A 209 4.75 -2.57 16.65
C ASP A 209 5.76 -3.49 15.97
N ILE A 210 6.69 -4.04 16.73
CA ILE A 210 7.82 -4.84 16.16
C ILE A 210 7.95 -6.24 16.72
N ALA A 211 7.02 -6.71 17.53
CA ALA A 211 7.25 -7.93 18.33
C ALA A 211 7.43 -9.17 17.48
N ALA A 212 6.62 -9.31 16.42
CA ALA A 212 6.68 -10.49 15.57
C ALA A 212 7.91 -10.53 14.66
N GLN A 213 8.38 -9.33 14.31
CA GLN A 213 9.44 -9.18 13.34
C GLN A 213 10.79 -9.84 13.78
N PHE A 214 11.08 -9.89 15.07
CA PHE A 214 12.34 -10.50 15.54
C PHE A 214 12.51 -11.90 14.99
N LEU A 215 11.51 -12.76 15.11
CA LEU A 215 11.64 -14.14 14.66
C LEU A 215 11.74 -14.23 13.13
N PHE A 216 10.95 -13.40 12.46
CA PHE A 216 11.01 -13.30 11.00
C PHE A 216 12.42 -12.93 10.57
N ALA A 217 13.04 -11.95 11.24
CA ALA A 217 14.35 -11.46 10.83
C ALA A 217 15.41 -12.54 11.06
N GLU A 218 15.33 -13.23 12.19
CA GLU A 218 16.25 -14.35 12.44
C GLU A 218 16.12 -15.45 11.41
N LEU A 219 14.90 -15.91 11.13
CA LEU A 219 14.75 -17.10 10.31
C LEU A 219 14.99 -16.81 8.82
N LEU A 220 14.79 -15.57 8.41
CA LEU A 220 14.94 -15.19 7.01
C LEU A 220 16.15 -14.35 6.75
N ASN A 221 17.07 -14.27 7.72
CA ASN A 221 18.36 -13.60 7.53
C ASN A 221 18.25 -12.11 7.16
N LEU A 222 17.34 -11.44 7.87
CA LEU A 222 17.17 -10.00 7.74
C LEU A 222 17.94 -9.36 8.85
N LYS A 223 18.38 -8.11 8.68
CA LYS A 223 18.94 -7.34 9.76
C LYS A 223 17.83 -6.55 10.44
N MET A 224 17.74 -6.68 11.75
CA MET A 224 16.77 -5.94 12.51
C MET A 224 17.47 -5.37 13.71
N THR A 225 17.66 -4.04 13.72
CA THR A 225 18.49 -3.37 14.71
C THR A 225 17.94 -2.00 15.06
N THR A 226 18.52 -1.38 16.06
CA THR A 226 18.26 0.02 16.29
C THR A 226 18.93 0.82 15.17
N LEU A 227 18.61 2.10 15.08
CA LEU A 227 19.23 2.96 14.10
C LEU A 227 20.72 3.26 14.41
N ASP A 228 21.23 2.77 15.55
CA ASP A 228 22.62 2.69 15.91
C ASP A 228 23.27 1.39 15.54
N GLY A 229 22.51 0.46 14.95
CA GLY A 229 22.97 -0.89 14.67
C GLY A 229 23.00 -1.85 15.85
N LYS A 230 22.34 -1.54 16.96
CA LYS A 230 22.34 -2.40 18.15
C LYS A 230 21.18 -3.38 18.17
N ALA A 231 21.27 -4.41 19.01
CA ALA A 231 20.14 -5.31 19.28
C ALA A 231 19.02 -4.53 19.94
N ILE A 232 17.79 -4.92 19.68
CA ILE A 232 16.64 -4.26 20.30
C ILE A 232 16.17 -5.06 21.48
N ASP A 233 15.83 -4.37 22.55
CA ASP A 233 15.12 -5.05 23.66
C ASP A 233 13.65 -5.24 23.25
N HIS A 234 13.20 -6.46 23.02
CA HIS A 234 11.75 -6.65 22.72
C HIS A 234 10.81 -6.13 23.79
N LEU A 235 11.29 -6.02 25.02
CA LEU A 235 10.43 -5.52 26.11
C LEU A 235 10.25 -4.01 26.06
N LYS A 236 11.21 -3.29 25.46
CA LYS A 236 11.09 -1.83 25.32
C LYS A 236 11.08 -1.47 23.81
N GLY A 237 10.55 -0.33 23.49
CA GLY A 237 10.86 0.13 22.12
C GLY A 237 12.35 0.21 21.79
N ALA A 238 12.66 0.61 20.55
CA ALA A 238 13.81 1.41 20.17
C ALA A 238 13.59 1.86 18.74
N PRO A 239 14.11 3.03 18.38
CA PRO A 239 14.13 3.38 16.97
C PRO A 239 14.72 2.24 16.17
N PHE A 240 14.09 1.86 15.07
CA PHE A 240 14.43 0.57 14.47
C PHE A 240 14.40 0.56 12.98
N ILE A 241 15.06 -0.44 12.45
CA ILE A 241 15.05 -0.76 11.03
C ILE A 241 14.91 -2.24 10.89
N ILE A 242 14.16 -2.68 9.91
CA ILE A 242 14.19 -4.02 9.42
C ILE A 242 14.65 -3.92 7.97
N SER A 243 15.70 -4.67 7.61
CA SER A 243 16.35 -4.50 6.35
C SER A 243 16.90 -5.79 5.76
N ASN A 244 16.82 -5.85 4.43
CA ASN A 244 17.66 -6.75 3.69
C ASN A 244 19.13 -6.58 4.12
N LYS A 245 19.88 -7.66 4.15
CA LYS A 245 21.24 -7.61 4.68
C LYS A 245 22.10 -6.72 3.79
N ALA A 246 21.77 -6.62 2.50
CA ALA A 246 22.65 -5.90 1.59
C ALA A 246 22.50 -4.38 1.57
N CYS A 247 21.47 -3.79 2.16
CA CYS A 247 21.29 -2.34 2.20
C CYS A 247 21.21 -1.72 3.62
N HIS A 248 21.39 -2.61 4.61
CA HIS A 248 21.37 -2.22 6.02
C HIS A 248 22.37 -1.11 6.39
N GLU A 249 23.66 -1.33 6.09
CA GLU A 249 24.68 -0.38 6.48
C GLU A 249 24.45 0.98 5.82
N THR A 250 24.12 0.96 4.55
CA THR A 250 23.97 2.19 3.77
C THR A 250 22.84 3.03 4.36
N VAL A 251 21.70 2.39 4.70
CA VAL A 251 20.60 3.12 5.30
C VAL A 251 20.95 3.72 6.64
N LEU A 252 21.67 2.95 7.47
CA LEU A 252 22.06 3.50 8.80
C LEU A 252 23.03 4.67 8.67
N LYS A 253 23.93 4.56 7.70
CA LYS A 253 24.90 5.62 7.43
C LYS A 253 24.16 6.93 7.09
N ILE A 254 23.20 6.82 6.17
CA ILE A 254 22.38 7.98 5.80
C ILE A 254 21.61 8.58 6.98
N LEU A 255 20.99 7.71 7.75
CA LEU A 255 20.19 8.19 8.90
C LEU A 255 21.02 8.93 9.90
N ASN A 256 22.27 8.50 10.08
CA ASN A 256 23.10 9.08 11.13
C ASN A 256 23.94 10.31 10.59
N ALA A 257 24.03 10.48 9.27
CA ALA A 257 24.86 11.51 8.71
C ALA A 257 24.37 12.90 9.04
N ASN A 258 25.26 13.89 8.98
CA ASN A 258 24.89 15.29 8.97
C ASN A 258 24.13 15.69 10.23
N GLY A 259 24.55 15.17 11.37
CA GLY A 259 23.80 15.39 12.61
C GLY A 259 22.40 14.76 12.72
N GLY A 260 22.14 13.74 11.88
CA GLY A 260 21.04 12.79 12.22
C GLY A 260 19.64 13.04 11.66
N TYR A 261 18.73 12.09 11.90
CA TYR A 261 17.49 12.01 11.14
C TYR A 261 16.34 12.71 11.82
N GLN A 262 16.55 13.07 13.08
CA GLN A 262 15.48 13.62 13.92
C GLN A 262 14.94 14.94 13.35
N LYS A 263 13.68 15.27 13.65
CA LYS A 263 13.23 16.66 13.71
C LYS A 263 12.67 16.83 12.37
N LYS B 4 -23.65 -1.03 -31.52
CA LYS B 4 -22.63 -1.44 -30.53
C LYS B 4 -23.10 -0.81 -29.31
N THR B 5 -23.78 -1.53 -28.40
CA THR B 5 -24.15 -0.90 -27.14
C THR B 5 -22.88 -0.83 -26.25
N LEU B 6 -22.93 0.08 -25.25
CA LEU B 6 -21.90 0.08 -24.24
C LEU B 6 -21.79 -1.28 -23.54
N GLN B 7 -22.91 -1.96 -23.30
CA GLN B 7 -22.88 -3.24 -22.65
C GLN B 7 -22.15 -4.29 -23.46
N GLN B 8 -22.34 -4.24 -24.78
CA GLN B 8 -21.69 -5.18 -25.67
C GLN B 8 -20.23 -4.93 -25.73
N ILE B 9 -19.84 -3.67 -25.77
CA ILE B 9 -18.40 -3.39 -25.78
C ILE B 9 -17.86 -3.87 -24.41
N ASP B 10 -18.56 -3.48 -23.35
CA ASP B 10 -18.07 -3.86 -22.01
C ASP B 10 -17.85 -5.36 -21.87
N LYS B 11 -18.78 -6.16 -22.40
CA LYS B 11 -18.65 -7.62 -22.40
C LYS B 11 -17.35 -8.08 -23.03
N LEU B 12 -17.01 -7.53 -24.22
CA LEU B 12 -15.78 -7.85 -24.90
C LEU B 12 -14.53 -7.48 -24.06
N ILE B 13 -14.55 -6.27 -23.45
CA ILE B 13 -13.37 -5.82 -22.74
C ILE B 13 -13.15 -6.69 -21.49
N CYS B 14 -14.19 -6.88 -20.68
CA CYS B 14 -14.07 -7.66 -19.46
C CYS B 14 -13.61 -9.08 -19.75
N SER B 15 -14.04 -9.54 -20.91
CA SER B 15 -13.65 -10.90 -21.35
C SER B 15 -12.14 -10.97 -21.74
N TRP B 16 -11.68 -9.94 -22.45
CA TRP B 16 -10.27 -9.85 -22.84
C TRP B 16 -9.40 -9.72 -21.57
N LEU B 17 -9.84 -8.95 -20.56
CA LEU B 17 -9.14 -8.74 -19.33
C LEU B 17 -8.98 -10.06 -18.56
N LYS B 18 -10.08 -10.80 -18.54
CA LYS B 18 -10.08 -12.12 -17.96
C LYS B 18 -9.14 -13.10 -18.65
N GLN B 19 -9.11 -13.14 -19.97
CA GLN B 19 -8.14 -14.01 -20.66
C GLN B 19 -6.72 -13.52 -20.38
N ILE B 20 -6.54 -12.22 -20.15
CA ILE B 20 -5.21 -11.68 -19.87
C ILE B 20 -4.58 -12.26 -18.58
N ASP B 21 -5.39 -12.64 -17.60
CA ASP B 21 -4.94 -13.43 -16.44
C ASP B 21 -4.18 -14.68 -16.82
N ASN B 22 -4.59 -15.28 -17.93
CA ASN B 22 -3.96 -16.48 -18.40
C ASN B 22 -2.71 -16.27 -19.16
N VAL B 23 -2.48 -15.06 -19.61
CA VAL B 23 -1.23 -14.68 -20.32
C VAL B 23 -0.15 -14.16 -19.36
N ILE B 24 -0.55 -13.34 -18.37
CA ILE B 24 0.46 -12.59 -17.60
C ILE B 24 1.44 -13.38 -16.74
N PRO B 25 1.04 -14.50 -16.14
CA PRO B 25 1.99 -15.31 -15.37
C PRO B 25 3.16 -15.82 -16.24
N GLN B 26 2.89 -16.03 -17.51
CA GLN B 26 3.92 -16.44 -18.43
C GLN B 26 4.89 -15.32 -18.82
N LEU B 27 4.37 -14.12 -18.97
CA LEU B 27 5.20 -12.92 -19.25
C LEU B 27 6.13 -12.64 -18.08
N ILE B 28 5.60 -12.76 -16.86
CA ILE B 28 6.39 -12.59 -15.65
C ILE B 28 7.45 -13.70 -15.54
N MET B 29 7.04 -14.96 -15.80
CA MET B 29 8.00 -16.04 -15.83
C MET B 29 9.23 -15.67 -16.64
N GLU B 30 9.01 -15.09 -17.80
CA GLU B 30 10.09 -14.76 -18.69
C GLU B 30 10.34 -13.25 -18.73
N MET B 31 10.16 -12.61 -17.56
CA MET B 31 10.32 -11.17 -17.48
C MET B 31 11.72 -10.63 -17.86
N THR B 32 11.70 -9.69 -18.78
CA THR B 32 12.85 -8.97 -19.25
C THR B 32 12.63 -7.53 -18.92
N THR B 33 13.67 -6.85 -18.44
CA THR B 33 13.59 -5.45 -18.12
C THR B 33 14.61 -4.65 -18.89
N GLU B 34 14.22 -3.45 -19.29
CA GLU B 34 15.19 -2.49 -19.79
C GLU B 34 14.86 -1.07 -19.35
N THR B 35 15.83 -0.21 -19.56
CA THR B 35 15.69 1.19 -19.25
C THR B 35 15.23 1.93 -20.51
N LYS B 36 14.71 3.13 -20.31
CA LYS B 36 14.52 4.11 -21.37
C LYS B 36 15.66 5.15 -21.20
N ARG B 37 15.59 5.96 -20.13
CA ARG B 37 16.55 7.04 -19.85
C ARG B 37 17.66 6.67 -18.83
N LEU B 42 11.77 2.56 -16.66
CA LEU B 42 11.77 1.10 -16.81
C LEU B 42 10.58 0.63 -17.68
N VAL B 43 10.81 -0.47 -18.41
CA VAL B 43 9.77 -1.11 -19.22
C VAL B 43 10.12 -2.59 -19.30
N THR B 44 9.12 -3.45 -19.40
CA THR B 44 9.32 -4.90 -19.43
C THR B 44 8.60 -5.51 -20.61
N ASN B 45 8.94 -6.74 -20.92
CA ASN B 45 8.17 -7.52 -21.84
C ASN B 45 6.65 -7.49 -21.49
N VAL B 46 6.33 -7.41 -20.20
CA VAL B 46 4.93 -7.41 -19.81
C VAL B 46 4.20 -6.16 -20.33
N ASP B 47 4.78 -4.98 -20.12
CA ASP B 47 4.21 -3.75 -20.67
C ASP B 47 3.92 -3.90 -22.15
N LYS B 48 4.96 -4.28 -22.92
CA LYS B 48 4.91 -4.32 -24.36
C LYS B 48 3.95 -5.35 -24.94
N GLN B 49 3.92 -6.55 -24.40
CA GLN B 49 3.07 -7.61 -24.81
C GLN B 49 1.62 -7.40 -24.50
N ILE B 50 1.30 -6.94 -23.29
CA ILE B 50 -0.09 -6.55 -22.97
C ILE B 50 -0.61 -5.53 -23.98
N GLN B 51 0.24 -4.54 -24.30
CA GLN B 51 -0.17 -3.53 -25.22
C GLN B 51 -0.43 -4.07 -26.66
N GLN B 52 0.46 -4.93 -27.08
CA GLN B 52 0.40 -5.49 -28.41
C GLN B 52 -0.78 -6.41 -28.62
N GLN B 53 -1.13 -7.19 -27.61
CA GLN B 53 -2.30 -8.00 -27.62
C GLN B 53 -3.56 -7.20 -27.58
N PHE B 54 -3.53 -6.03 -26.97
CA PHE B 54 -4.71 -5.19 -27.01
C PHE B 54 -4.89 -4.56 -28.39
N GLN B 55 -3.78 -4.22 -29.01
CA GLN B 55 -3.80 -3.72 -30.38
C GLN B 55 -4.42 -4.77 -31.31
N GLN B 56 -3.97 -6.00 -31.19
CA GLN B 56 -4.55 -7.14 -31.91
C GLN B 56 -6.06 -7.32 -31.65
N PHE B 57 -6.45 -7.29 -30.40
CA PHE B 57 -7.87 -7.29 -29.99
C PHE B 57 -8.70 -6.23 -30.70
N LEU B 58 -8.18 -5.03 -30.79
CA LEU B 58 -8.87 -3.97 -31.49
C LEU B 58 -8.95 -4.27 -32.98
N ALA B 59 -7.82 -4.72 -33.55
CA ALA B 59 -7.76 -4.99 -34.99
C ALA B 59 -8.94 -5.89 -35.37
N THR B 60 -9.29 -6.73 -34.42
CA THR B 60 -10.10 -7.88 -34.74
C THR B 60 -11.59 -7.60 -34.39
N TYR B 61 -11.77 -6.82 -33.37
CA TYR B 61 -13.17 -6.54 -32.92
C TYR B 61 -13.60 -5.18 -33.27
N PHE B 62 -12.69 -4.19 -33.35
CA PHE B 62 -13.01 -2.80 -33.45
C PHE B 62 -12.00 -2.11 -34.32
N PRO B 63 -11.94 -2.48 -35.57
CA PRO B 63 -10.92 -2.10 -36.54
C PRO B 63 -10.92 -0.62 -36.85
N GLU B 64 -12.05 0.02 -36.61
CA GLU B 64 -12.04 1.46 -36.83
C GLU B 64 -11.39 2.21 -35.68
N HIS B 65 -11.29 1.56 -34.55
CA HIS B 65 -10.94 2.27 -33.31
C HIS B 65 -9.47 2.49 -33.24
N GLN B 66 -9.05 3.65 -32.75
CA GLN B 66 -7.61 3.90 -32.61
C GLN B 66 -7.05 3.76 -31.17
N LEU B 67 -5.73 3.60 -31.04
CA LEU B 67 -5.14 3.40 -29.74
C LEU B 67 -4.04 4.38 -29.39
N LEU B 68 -4.26 5.10 -28.30
CA LEU B 68 -3.18 5.94 -27.71
C LEU B 68 -2.58 5.22 -26.49
N ALA B 69 -1.31 4.80 -26.58
CA ALA B 69 -0.73 4.01 -25.50
C ALA B 69 0.71 4.26 -25.23
N GLU B 70 1.16 3.87 -24.04
CA GLU B 70 2.52 4.29 -23.60
C GLU B 70 3.63 3.76 -24.51
N GLU B 71 3.53 2.51 -24.94
CA GLU B 71 4.72 1.86 -25.54
C GLU B 71 4.65 1.89 -27.08
N LYS B 72 4.06 2.92 -27.65
CA LYS B 72 4.05 3.12 -29.09
C LYS B 72 4.16 4.58 -29.32
N SER B 73 4.48 4.98 -30.55
CA SER B 73 4.35 6.39 -30.95
C SER B 73 2.90 6.78 -31.11
N ASN B 74 2.56 8.02 -30.75
CA ASN B 74 1.19 8.49 -30.83
C ASN B 74 1.04 9.75 -31.66
N ALA B 75 2.01 9.98 -32.57
CA ALA B 75 2.07 11.15 -33.46
C ALA B 75 0.81 11.27 -34.31
N MET B 76 0.33 10.12 -34.82
CA MET B 76 -0.92 10.02 -35.59
C MET B 76 -2.27 10.27 -34.87
N ILE B 77 -2.28 10.56 -33.57
CA ILE B 77 -3.54 10.72 -32.80
C ILE B 77 -3.96 12.19 -32.75
N THR B 78 -5.18 12.48 -33.17
CA THR B 78 -5.67 13.88 -33.25
C THR B 78 -6.84 14.19 -32.36
N ASN B 79 -7.15 15.50 -32.29
CA ASN B 79 -8.28 16.04 -31.51
C ASN B 79 -9.64 15.56 -32.02
N GLU B 80 -9.79 15.22 -33.31
CA GLU B 80 -11.12 14.95 -33.86
C GLU B 80 -11.24 13.49 -34.29
N ILE B 81 -11.04 12.56 -33.37
CA ILE B 81 -11.07 11.14 -33.64
C ILE B 81 -12.32 10.50 -32.96
N ASN B 82 -13.02 9.69 -33.73
CA ASN B 82 -14.31 9.15 -33.29
C ASN B 82 -14.21 8.17 -32.12
N HIS B 83 -13.50 7.07 -32.36
CA HIS B 83 -13.40 5.94 -31.43
C HIS B 83 -11.94 5.79 -30.94
N LEU B 84 -11.70 6.17 -29.68
CA LEU B 84 -10.33 6.21 -29.16
C LEU B 84 -10.24 5.41 -27.90
N TRP B 85 -9.24 4.54 -27.84
CA TRP B 85 -8.83 3.89 -26.61
C TRP B 85 -7.52 4.50 -26.13
N ILE B 86 -7.46 4.88 -24.85
CA ILE B 86 -6.19 5.22 -24.26
C ILE B 86 -5.80 4.09 -23.25
N MET B 87 -4.57 3.59 -23.40
CA MET B 87 -4.16 2.45 -22.60
C MET B 87 -2.83 2.67 -21.88
N ASP B 88 -2.79 2.33 -20.58
CA ASP B 88 -1.49 2.07 -19.96
C ASP B 88 -1.37 0.57 -19.68
N PRO B 89 -0.54 -0.13 -20.43
CA PRO B 89 -0.61 -1.58 -20.37
C PRO B 89 -0.16 -2.12 -19.01
N ILE B 90 0.88 -1.51 -18.43
CA ILE B 90 1.16 -1.72 -17.00
C ILE B 90 1.40 -0.35 -16.39
N ASP B 91 0.52 0.07 -15.49
CA ASP B 91 0.76 1.27 -14.70
C ASP B 91 1.33 0.81 -13.37
N GLY B 92 2.48 1.30 -12.97
CA GLY B 92 3.20 0.71 -11.85
C GLY B 92 4.29 -0.29 -12.26
N THR B 93 5.00 0.00 -13.35
CA THR B 93 6.09 -0.87 -13.79
C THR B 93 7.14 -1.12 -12.68
N ALA B 94 7.46 -0.08 -11.91
CA ALA B 94 8.42 -0.22 -10.84
C ALA B 94 7.92 -1.24 -9.85
N ASN B 95 6.66 -1.15 -9.45
CA ASN B 95 6.03 -2.13 -8.56
C ASN B 95 6.00 -3.52 -9.16
N LEU B 96 5.70 -3.65 -10.45
CA LEU B 96 5.77 -4.94 -11.11
C LEU B 96 7.13 -5.59 -10.95
N VAL B 97 8.18 -4.82 -11.24
CA VAL B 97 9.54 -5.32 -11.28
C VAL B 97 10.03 -5.63 -9.88
N LYS B 98 9.89 -4.68 -8.97
CA LYS B 98 10.41 -4.81 -7.61
C LYS B 98 9.54 -5.65 -6.70
N GLN B 99 8.22 -5.71 -6.97
CA GLN B 99 7.32 -6.33 -5.98
C GLN B 99 6.42 -7.41 -6.54
N GLN B 100 6.22 -7.42 -7.86
CA GLN B 100 5.18 -8.26 -8.46
C GLN B 100 3.84 -8.03 -7.81
N GLU B 101 3.56 -6.79 -7.47
CA GLU B 101 2.30 -6.45 -6.80
C GLU B 101 2.06 -4.96 -6.92
N ASP B 102 0.83 -4.49 -6.68
CA ASP B 102 0.54 -3.05 -6.75
C ASP B 102 0.80 -2.39 -8.12
N TYR B 103 0.28 -3.06 -9.14
CA TYR B 103 0.30 -2.50 -10.46
C TYR B 103 -1.03 -2.84 -11.14
N CYS B 104 -1.34 -2.18 -12.24
CA CYS B 104 -2.63 -2.30 -12.83
C CYS B 104 -2.55 -2.06 -14.33
N ILE B 105 -3.62 -2.48 -15.01
CA ILE B 105 -3.83 -2.09 -16.40
C ILE B 105 -4.87 -0.99 -16.47
N ILE B 106 -4.57 0.06 -17.22
CA ILE B 106 -5.53 1.17 -17.43
C ILE B 106 -6.06 1.22 -18.88
N LEU B 107 -7.37 1.27 -19.02
CA LEU B 107 -8.07 1.36 -20.33
C LEU B 107 -9.17 2.37 -20.23
N ALA B 108 -9.31 3.18 -21.26
CA ALA B 108 -10.41 4.14 -21.31
C ALA B 108 -10.82 4.34 -22.75
N TYR B 109 -12.14 4.29 -22.99
CA TYR B 109 -12.77 4.46 -24.29
C TYR B 109 -13.51 5.81 -24.38
N PHE B 110 -13.07 6.60 -25.33
CA PHE B 110 -13.68 7.88 -25.62
C PHE B 110 -14.37 7.84 -27.00
N TYR B 111 -15.66 8.20 -27.02
CA TYR B 111 -16.45 8.25 -28.23
C TYR B 111 -16.72 9.73 -28.57
N GLU B 112 -16.17 10.17 -29.71
CA GLU B 112 -16.24 11.60 -30.09
C GLU B 112 -15.80 12.41 -28.88
N GLY B 113 -14.64 12.05 -28.32
CA GLY B 113 -14.08 12.76 -27.17
C GLY B 113 -14.70 12.74 -25.77
N LYS B 114 -15.80 12.03 -25.61
CA LYS B 114 -16.56 11.93 -24.38
C LYS B 114 -16.30 10.56 -23.75
N PRO B 115 -15.86 10.53 -22.48
CA PRO B 115 -15.57 9.20 -21.87
C PRO B 115 -16.78 8.31 -21.70
N MET B 116 -16.72 7.06 -22.15
CA MET B 116 -17.85 6.13 -22.13
C MET B 116 -17.60 4.88 -21.31
N LEU B 117 -16.37 4.37 -21.37
CA LEU B 117 -15.94 3.20 -20.60
C LEU B 117 -14.54 3.42 -20.02
N SER B 118 -14.36 2.95 -18.78
CA SER B 118 -13.06 3.05 -18.12
C SER B 118 -12.81 1.81 -17.29
N TYR B 119 -11.54 1.42 -17.22
CA TYR B 119 -11.12 0.18 -16.55
C TYR B 119 -9.81 0.44 -15.82
N VAL B 120 -9.73 0.01 -14.57
CA VAL B 120 -8.47 -0.13 -13.82
C VAL B 120 -8.45 -1.56 -13.30
N TYR B 121 -7.64 -2.40 -13.92
CA TYR B 121 -7.59 -3.79 -13.52
C TYR B 121 -6.40 -4.01 -12.59
N ASP B 122 -6.73 -4.17 -11.33
CA ASP B 122 -5.73 -4.54 -10.34
C ASP B 122 -5.53 -6.05 -10.46
N TYR B 123 -4.57 -6.43 -11.33
CA TYR B 123 -4.43 -7.80 -11.69
C TYR B 123 -3.90 -8.66 -10.53
N PRO B 124 -2.90 -8.15 -9.78
CA PRO B 124 -2.43 -8.92 -8.58
C PRO B 124 -3.49 -9.24 -7.55
N HIS B 125 -4.50 -8.37 -7.37
CA HIS B 125 -5.56 -8.75 -6.47
C HIS B 125 -6.81 -9.19 -7.16
N LYS B 126 -6.78 -9.24 -8.51
CA LYS B 126 -7.97 -9.72 -9.26
C LYS B 126 -9.18 -8.85 -8.95
N LYS B 127 -8.96 -7.55 -8.97
CA LYS B 127 -10.00 -6.59 -8.71
C LYS B 127 -10.16 -5.68 -9.95
N LEU B 128 -11.31 -5.84 -10.64
CA LEU B 128 -11.59 -5.05 -11.84
C LEU B 128 -12.45 -3.86 -11.45
N TYR B 129 -11.83 -2.69 -11.42
CA TYR B 129 -12.62 -1.45 -11.31
C TYR B 129 -13.10 -1.07 -12.68
N LYS B 130 -14.41 -0.81 -12.82
CA LYS B 130 -14.88 -0.34 -14.10
C LYS B 130 -15.95 0.71 -13.97
N ALA B 131 -16.00 1.59 -14.95
CA ALA B 131 -16.98 2.68 -15.04
C ALA B 131 -17.65 2.64 -16.40
N ILE B 132 -18.98 2.67 -16.41
CA ILE B 132 -19.77 2.60 -17.63
C ILE B 132 -20.81 3.72 -17.62
N ARG B 133 -20.72 4.65 -18.58
CA ARG B 133 -21.70 5.74 -18.69
C ARG B 133 -23.14 5.15 -18.75
N GLY B 134 -24.08 5.70 -17.98
CA GLY B 134 -25.42 5.16 -17.92
C GLY B 134 -25.62 4.04 -16.93
N GLU B 135 -24.60 3.26 -16.61
CA GLU B 135 -24.76 2.14 -15.64
C GLU B 135 -24.15 2.45 -14.24
N GLY B 136 -22.93 3.01 -14.22
CA GLY B 136 -22.25 3.40 -12.95
C GLY B 136 -20.84 2.85 -12.87
N ALA B 137 -20.26 2.89 -11.67
CA ALA B 137 -18.90 2.38 -11.44
C ALA B 137 -18.94 1.20 -10.52
N PHE B 138 -18.02 0.27 -10.72
CA PHE B 138 -18.11 -1.03 -10.04
C PHE B 138 -16.71 -1.58 -9.70
N CYS B 139 -16.62 -2.36 -8.64
CA CYS B 139 -15.41 -3.10 -8.32
C CYS B 139 -15.83 -4.54 -8.30
N ASN B 140 -15.36 -5.34 -9.27
CA ASN B 140 -15.83 -6.72 -9.37
C ASN B 140 -17.35 -6.80 -9.32
N GLY B 141 -18.00 -5.91 -10.04
CA GLY B 141 -19.45 -5.88 -9.99
C GLY B 141 -20.13 -5.54 -8.65
N PHE B 142 -19.38 -5.18 -7.58
CA PHE B 142 -20.00 -4.40 -6.44
C PHE B 142 -20.07 -2.98 -6.90
N LYS B 143 -21.23 -2.34 -6.80
CA LYS B 143 -21.42 -1.00 -7.31
C LYS B 143 -20.82 0.05 -6.36
N MET B 144 -20.01 0.95 -6.93
CA MET B 144 -19.38 2.01 -6.14
C MET B 144 -20.33 3.20 -6.11
N GLU B 145 -20.34 3.89 -4.98
CA GLU B 145 -21.10 5.15 -4.86
C GLU B 145 -20.21 6.28 -4.40
N GLU B 146 -20.67 7.50 -4.61
CA GLU B 146 -19.94 8.65 -4.15
C GLU B 146 -19.44 8.47 -2.71
N PRO B 147 -18.14 8.69 -2.47
CA PRO B 147 -17.59 8.54 -1.11
C PRO B 147 -18.13 9.62 -0.15
N PRO B 148 -18.11 9.39 1.19
CA PRO B 148 -18.44 10.49 2.13
C PRO B 148 -17.48 11.66 1.95
N SER B 149 -17.92 12.87 2.30
CA SER B 149 -17.07 14.03 2.29
C SER B 149 -15.89 13.77 3.20
N LEU B 150 -14.70 14.16 2.74
CA LEU B 150 -13.52 14.13 3.54
C LEU B 150 -12.87 15.50 3.47
N LYS B 151 -12.86 16.18 4.62
CA LYS B 151 -12.04 17.33 4.77
C LYS B 151 -10.57 16.88 4.86
N LEU B 152 -9.66 17.76 4.47
CA LEU B 152 -8.28 17.31 4.31
C LEU B 152 -7.65 16.89 5.61
N GLU B 153 -8.07 17.57 6.67
CA GLU B 153 -7.56 17.31 8.00
C GLU B 153 -7.90 15.87 8.43
N ASP B 154 -8.99 15.31 7.88
CA ASP B 154 -9.47 13.98 8.22
C ASP B 154 -9.11 12.92 7.16
N ALA B 155 -8.25 13.26 6.20
CA ALA B 155 -8.06 12.38 5.07
C ALA B 155 -6.59 12.05 4.82
N ILE B 156 -6.38 10.89 4.18
CA ILE B 156 -5.02 10.48 3.80
C ILE B 156 -4.76 11.11 2.46
N ILE B 157 -3.57 11.65 2.26
CA ILE B 157 -3.20 12.08 0.89
C ILE B 157 -2.09 11.25 0.34
N SER B 158 -2.04 11.24 -0.98
CA SER B 158 -1.04 10.51 -1.72
C SER B 158 -0.45 11.38 -2.80
N PHE B 159 0.87 11.43 -2.86
CA PHE B 159 1.59 12.20 -3.87
C PHE B 159 3.04 11.77 -3.82
N ASN B 160 3.78 12.11 -4.87
CA ASN B 160 5.22 11.88 -4.93
C ASN B 160 5.93 13.07 -4.29
N ALA B 161 6.50 12.83 -3.12
CA ALA B 161 7.16 13.89 -2.35
C ALA B 161 8.54 14.24 -2.89
N GLN B 162 9.07 13.50 -3.88
CA GLN B 162 10.45 13.62 -4.32
C GLN B 162 10.51 14.72 -5.41
N VAL B 163 9.34 15.12 -5.88
CA VAL B 163 9.23 15.86 -7.11
C VAL B 163 8.65 17.26 -6.82
N MET B 164 8.42 17.57 -5.53
CA MET B 164 7.81 18.82 -5.13
C MET B 164 8.74 19.57 -4.18
N ASN B 165 8.51 20.84 -4.10
CA ASN B 165 9.13 21.76 -3.23
C ASN B 165 8.90 21.30 -1.80
N LEU B 166 9.91 21.46 -0.93
CA LEU B 166 9.87 20.79 0.37
C LEU B 166 8.96 21.53 1.30
N ASP B 167 8.77 22.81 1.07
CA ASP B 167 7.87 23.62 1.87
C ASP B 167 6.45 23.13 1.64
N THR B 168 6.10 22.96 0.34
CA THR B 168 4.83 22.51 0.03
C THR B 168 4.53 21.04 0.45
N VAL B 169 5.55 20.20 0.37
CA VAL B 169 5.41 18.81 0.91
C VAL B 169 5.07 18.83 2.41
N GLN B 170 5.84 19.63 3.12
CA GLN B 170 5.58 19.82 4.58
C GLN B 170 4.19 20.35 4.83
N ASP B 171 3.72 21.31 4.04
CA ASP B 171 2.38 21.91 4.27
C ASP B 171 1.32 20.87 4.08
N LEU B 172 1.52 19.95 3.11
CA LEU B 172 0.55 18.89 2.84
C LEU B 172 0.53 17.88 3.98
N PHE B 173 1.71 17.55 4.50
CA PHE B 173 1.84 16.66 5.69
C PHE B 173 1.12 17.26 6.88
N ASP B 174 1.36 18.53 7.16
CA ASP B 174 0.71 19.20 8.32
C ASP B 174 -0.82 19.29 8.17
N ALA B 175 -1.28 19.43 6.94
CA ALA B 175 -2.73 19.65 6.75
C ALA B 175 -3.56 18.41 6.60
N SER B 176 -2.92 17.26 6.42
CA SER B 176 -3.67 16.04 6.15
C SER B 176 -3.60 15.15 7.36
N PHE B 177 -4.45 14.12 7.35
CA PHE B 177 -4.50 13.24 8.50
C PHE B 177 -3.28 12.34 8.50
N SER B 178 -2.96 11.79 7.34
CA SER B 178 -1.74 11.00 7.11
C SER B 178 -1.34 10.97 5.60
N TYR B 179 -0.19 10.37 5.31
CA TYR B 179 0.33 10.28 3.96
C TYR B 179 0.60 8.82 3.63
N ARG B 180 0.17 8.38 2.46
CA ARG B 180 0.35 7.02 2.01
C ARG B 180 0.70 7.06 0.51
N LEU B 181 1.38 6.01 0.02
CA LEU B 181 1.68 5.92 -1.39
C LEU B 181 1.70 4.50 -1.89
N VAL B 182 0.78 4.17 -2.81
CA VAL B 182 0.75 2.86 -3.44
C VAL B 182 1.79 2.82 -4.57
N GLY B 183 1.87 3.90 -5.36
CA GLY B 183 2.94 4.02 -6.37
C GLY B 183 2.52 3.61 -7.78
N ALA B 184 1.24 3.48 -8.00
CA ALA B 184 0.71 3.35 -9.35
C ALA B 184 -0.45 4.33 -9.45
N CYS B 185 -0.36 5.28 -10.38
CA CYS B 185 -1.37 6.36 -10.49
C CYS B 185 -2.80 5.82 -10.47
N GLY B 186 -3.08 4.80 -11.25
CA GLY B 186 -4.37 4.16 -11.31
C GLY B 186 -4.87 3.67 -9.99
N LEU B 187 -3.99 3.09 -9.20
CA LEU B 187 -4.40 2.50 -7.91
C LEU B 187 -4.55 3.57 -6.84
N ASP B 188 -3.59 4.48 -6.77
CA ASP B 188 -3.73 5.59 -5.85
C ASP B 188 -5.00 6.38 -6.17
N SER B 189 -5.32 6.51 -7.46
CA SER B 189 -6.54 7.24 -7.88
C SER B 189 -7.80 6.47 -7.42
N MET B 190 -7.78 5.14 -7.53
CA MET B 190 -8.95 4.32 -7.10
C MET B 190 -9.12 4.41 -5.63
N ARG B 191 -8.04 4.58 -4.88
CA ARG B 191 -8.20 4.76 -3.42
C ARG B 191 -9.04 6.02 -3.13
N VAL B 192 -8.85 7.06 -3.97
CA VAL B 192 -9.63 8.32 -3.83
C VAL B 192 -11.08 8.00 -4.16
N ALA B 193 -11.29 7.26 -5.25
CA ALA B 193 -12.67 6.95 -5.71
C ALA B 193 -13.42 6.13 -4.66
N LYS B 194 -12.65 5.26 -3.95
CA LYS B 194 -13.26 4.37 -2.94
C LYS B 194 -13.45 5.09 -1.61
N GLY B 195 -12.93 6.30 -1.49
CA GLY B 195 -13.01 7.01 -0.18
C GLY B 195 -11.94 6.66 0.81
N GLN B 196 -10.92 5.90 0.40
CA GLN B 196 -9.79 5.53 1.26
C GLN B 196 -8.79 6.65 1.38
N PHE B 197 -8.50 7.36 0.28
CA PHE B 197 -7.67 8.58 0.28
C PHE B 197 -8.57 9.79 -0.03
N GLY B 198 -8.15 10.98 0.47
CA GLY B 198 -8.83 12.24 0.15
C GLY B 198 -8.45 12.77 -1.22
N ALA B 199 -7.21 12.57 -1.62
CA ALA B 199 -6.72 13.09 -2.87
C ALA B 199 -5.47 12.37 -3.26
N HIS B 200 -5.20 12.32 -4.56
CA HIS B 200 -3.97 11.85 -5.14
C HIS B 200 -3.51 12.87 -6.16
N ILE B 201 -2.18 13.11 -6.16
CA ILE B 201 -1.59 14.13 -7.02
C ILE B 201 -0.52 13.49 -7.86
N ASN B 202 -0.53 13.77 -9.18
CA ASN B 202 0.63 13.45 -9.98
C ASN B 202 0.97 14.67 -10.81
N THR B 203 2.17 15.20 -10.62
CA THR B 203 2.50 16.53 -11.13
C THR B 203 2.89 16.51 -12.59
N ASN B 204 3.00 15.35 -13.21
CA ASN B 204 3.37 15.29 -14.58
C ASN B 204 2.90 14.01 -15.30
N PRO B 205 1.59 13.78 -15.34
CA PRO B 205 1.14 12.52 -15.90
C PRO B 205 1.03 12.53 -17.41
N LYS B 206 1.08 11.35 -18.03
CA LYS B 206 0.81 11.23 -19.46
C LYS B 206 -0.69 10.93 -19.61
N PRO B 207 -1.20 10.98 -20.85
CA PRO B 207 -2.63 10.66 -21.00
C PRO B 207 -3.05 9.30 -20.49
N TRP B 208 -2.19 8.28 -20.64
CA TRP B 208 -2.49 6.93 -20.17
C TRP B 208 -2.47 6.76 -18.66
N ASP B 209 -1.71 7.59 -17.94
CA ASP B 209 -1.71 7.57 -16.47
C ASP B 209 -3.05 7.96 -15.84
N ILE B 210 -3.84 8.76 -16.56
CA ILE B 210 -5.11 9.30 -15.99
C ILE B 210 -6.34 9.02 -16.82
N ALA B 211 -6.25 8.19 -17.86
CA ALA B 211 -7.32 8.15 -18.88
C ALA B 211 -8.62 7.63 -18.34
N ALA B 212 -8.55 6.59 -17.52
CA ALA B 212 -9.76 5.95 -16.96
C ALA B 212 -10.44 6.79 -15.89
N GLN B 213 -9.62 7.59 -15.18
CA GLN B 213 -10.09 8.33 -14.04
C GLN B 213 -11.20 9.38 -14.38
N PHE B 214 -11.20 9.94 -15.57
CA PHE B 214 -12.22 10.94 -15.93
C PHE B 214 -13.64 10.38 -15.69
N LEU B 215 -13.94 9.20 -16.17
CA LEU B 215 -15.28 8.70 -16.04
C LEU B 215 -15.64 8.33 -14.59
N PHE B 216 -14.65 7.80 -13.87
CA PHE B 216 -14.82 7.49 -12.45
C PHE B 216 -15.14 8.79 -11.70
N ALA B 217 -14.41 9.85 -12.02
CA ALA B 217 -14.59 11.13 -11.30
C ALA B 217 -15.99 11.69 -11.58
N GLU B 218 -16.42 11.61 -12.82
CA GLU B 218 -17.77 12.12 -13.16
C GLU B 218 -18.86 11.31 -12.46
N LEU B 219 -18.79 9.98 -12.53
CA LEU B 219 -19.90 9.17 -12.04
C LEU B 219 -19.96 9.10 -10.53
N LEU B 220 -18.83 9.31 -9.87
CA LEU B 220 -18.75 9.24 -8.41
C LEU B 220 -18.59 10.60 -7.76
N ASN B 221 -18.75 11.69 -8.52
CA ASN B 221 -18.71 13.03 -7.94
C ASN B 221 -17.38 13.40 -7.26
N LEU B 222 -16.29 13.02 -7.94
CA LEU B 222 -14.93 13.40 -7.50
C LEU B 222 -14.55 14.62 -8.29
N LYS B 223 -13.65 15.44 -7.76
CA LYS B 223 -13.06 16.51 -8.54
C LYS B 223 -11.78 16.01 -9.21
N MET B 224 -11.70 16.20 -10.49
CA MET B 224 -10.49 15.86 -11.23
C MET B 224 -10.12 17.03 -12.11
N THR B 225 -9.02 17.69 -11.78
CA THR B 225 -8.59 18.92 -12.44
C THR B 225 -7.08 19.07 -12.52
N THR B 226 -6.63 20.08 -13.24
CA THR B 226 -5.22 20.46 -13.19
C THR B 226 -4.96 21.07 -11.84
N LEU B 227 -3.70 21.27 -11.50
CA LEU B 227 -3.34 21.90 -10.25
C LEU B 227 -3.67 23.42 -10.21
N ASP B 228 -4.15 23.95 -11.33
CA ASP B 228 -4.81 25.26 -11.41
C ASP B 228 -6.31 25.22 -11.23
N GLY B 229 -6.88 24.04 -11.04
CA GLY B 229 -8.31 23.84 -11.02
C GLY B 229 -9.01 23.82 -12.38
N LYS B 230 -8.28 23.65 -13.48
CA LYS B 230 -8.88 23.65 -14.81
C LYS B 230 -9.22 22.24 -15.28
N ALA B 231 -10.06 22.15 -16.32
CA ALA B 231 -10.34 20.87 -16.99
C ALA B 231 -9.05 20.35 -17.62
N ILE B 232 -8.93 19.02 -17.68
CA ILE B 232 -7.75 18.41 -18.30
C ILE B 232 -8.09 17.98 -19.69
N ASP B 233 -7.17 18.22 -20.61
CA ASP B 233 -7.33 17.63 -21.95
C ASP B 233 -6.94 16.14 -21.86
N HIS B 234 -7.89 15.21 -22.01
CA HIS B 234 -7.49 13.79 -22.00
C HIS B 234 -6.48 13.41 -23.07
N LEU B 235 -6.41 14.18 -24.14
CA LEU B 235 -5.44 13.87 -25.22
C LEU B 235 -4.01 14.28 -24.85
N LYS B 236 -3.85 15.26 -23.95
CA LYS B 236 -2.58 15.69 -23.46
C LYS B 236 -2.41 15.45 -21.96
N GLY B 237 -1.20 15.33 -21.49
CA GLY B 237 -1.10 15.39 -20.02
C GLY B 237 -1.72 16.64 -19.40
N ALA B 238 -1.65 16.74 -18.06
CA ALA B 238 -1.48 17.97 -17.32
C ALA B 238 -1.19 17.58 -15.88
N PRO B 239 -0.41 18.40 -15.15
CA PRO B 239 -0.30 18.23 -13.69
C PRO B 239 -1.71 18.08 -13.15
N PHE B 240 -1.96 17.09 -12.30
CA PHE B 240 -3.35 16.76 -11.99
C PHE B 240 -3.57 16.33 -10.57
N ILE B 241 -4.82 16.39 -10.19
CA ILE B 241 -5.29 15.94 -8.91
C ILE B 241 -6.58 15.23 -9.14
N ILE B 242 -6.77 14.14 -8.43
CA ILE B 242 -8.10 13.53 -8.28
C ILE B 242 -8.41 13.59 -6.79
N SER B 243 -9.57 14.16 -6.44
CA SER B 243 -9.87 14.49 -5.07
C SER B 243 -11.32 14.32 -4.70
N ASN B 244 -11.52 13.90 -3.46
CA ASN B 244 -12.79 14.11 -2.80
C ASN B 244 -13.20 15.59 -2.90
N LYS B 245 -14.51 15.81 -3.09
CA LYS B 245 -15.00 17.17 -3.36
C LYS B 245 -14.74 18.04 -2.14
N ALA B 246 -14.74 17.44 -0.95
CA ALA B 246 -14.59 18.25 0.28
C ALA B 246 -13.17 18.69 0.61
N CYS B 247 -12.17 18.16 -0.07
CA CYS B 247 -10.75 18.58 0.23
C CYS B 247 -9.99 19.09 -1.00
N HIS B 248 -10.68 19.14 -2.13
CA HIS B 248 -10.13 19.69 -3.36
C HIS B 248 -9.56 21.10 -3.29
N GLU B 249 -10.39 22.06 -2.83
CA GLU B 249 -9.96 23.46 -2.80
C GLU B 249 -8.75 23.62 -1.87
N THR B 250 -8.80 22.98 -0.71
CA THR B 250 -7.73 23.13 0.29
C THR B 250 -6.41 22.63 -0.26
N VAL B 251 -6.44 21.48 -0.95
CA VAL B 251 -5.22 20.95 -1.54
C VAL B 251 -4.67 21.87 -2.61
N LEU B 252 -5.53 22.40 -3.47
CA LEU B 252 -5.04 23.32 -4.54
C LEU B 252 -4.45 24.60 -3.94
N LYS B 253 -5.09 25.08 -2.89
CA LYS B 253 -4.57 26.28 -2.18
C LYS B 253 -3.14 26.03 -1.70
N ILE B 254 -2.95 24.89 -1.04
CA ILE B 254 -1.62 24.52 -0.54
C ILE B 254 -0.58 24.40 -1.67
N LEU B 255 -0.99 23.74 -2.72
CA LEU B 255 -0.07 23.52 -3.86
C LEU B 255 0.36 24.83 -4.50
N ASN B 256 -0.52 25.82 -4.52
CA ASN B 256 -0.23 27.10 -5.18
C ASN B 256 0.43 28.13 -4.17
N ALA B 257 0.41 27.85 -2.88
CA ALA B 257 1.01 28.72 -1.91
C ALA B 257 2.56 28.65 -2.06
N ASN B 258 3.22 29.60 -1.41
CA ASN B 258 4.68 29.62 -1.25
C ASN B 258 5.36 29.69 -2.60
N GLY B 259 4.81 30.42 -3.56
CA GLY B 259 5.35 30.42 -4.93
C GLY B 259 5.23 29.12 -5.72
N GLY B 260 4.35 28.23 -5.28
CA GLY B 260 4.01 27.00 -6.01
C GLY B 260 4.79 25.72 -5.61
N TYR B 261 4.36 24.58 -6.14
CA TYR B 261 4.74 23.28 -5.59
C TYR B 261 5.91 22.71 -6.30
N GLN B 262 6.28 23.29 -7.44
CA GLN B 262 7.37 22.75 -8.27
C GLN B 262 8.69 22.75 -7.49
N LYS B 263 9.50 21.71 -7.62
CA LYS B 263 10.76 21.71 -6.88
C LYS B 263 11.79 22.74 -7.43
N TYR B 264 11.68 23.01 -8.71
CA TYR B 264 12.51 23.95 -9.39
C TYR B 264 11.63 25.04 -9.98
N ARG B 265 12.17 26.27 -10.11
CA ARG B 265 11.37 27.47 -10.59
C ARG B 265 11.40 27.75 -12.12
CA CA C . -2.15 -0.75 17.33
CA CA D . -1.95 3.16 18.10
C1 GOL E . -9.34 11.17 25.46
O1 GOL E . -8.34 10.80 24.48
C2 GOL E . -10.33 10.03 25.73
O2 GOL E . -9.77 8.80 25.27
C3 GOL E . -11.65 10.28 25.01
O3 GOL E . -11.43 10.54 23.61
C1 GOL F . 14.52 8.92 -8.18
O1 GOL F . 14.19 10.10 -7.44
C2 GOL F . 15.63 8.10 -7.50
O2 GOL F . 15.11 7.44 -6.32
C3 GOL F . 16.82 8.96 -7.06
O3 GOL F . 17.33 9.78 -8.12
CA CA G . 1.19 -0.75 15.71
PA NAP H . 0.59 6.06 11.82
PA NAP H . 0.32 6.12 11.49
O1A NAP H . 0.42 6.34 10.34
O1A NAP H . 0.34 6.18 9.98
O2A NAP H . -0.54 6.24 12.78
O2A NAP H . -0.99 6.15 12.22
O5B NAP H . 1.17 4.56 12.03
O5B NAP H . 1.13 4.81 11.98
C5B NAP H . 2.19 4.04 11.20
C5B NAP H . 1.94 4.07 11.07
C4B NAP H . 2.84 2.89 11.93
C4B NAP H . 2.63 2.96 11.81
O4B NAP H . 3.58 3.35 13.07
O4B NAP H . 3.31 3.48 12.93
C3B NAP H . 1.80 1.94 12.47
C3B NAP H . 1.67 1.92 12.38
O3B NAP H . 2.36 0.63 12.51
O3B NAP H . 2.39 0.69 12.50
C2B NAP H . 1.53 2.47 13.87
C2B NAP H . 1.31 2.51 13.74
O2B NAP H . 1.00 1.50 14.76
O2B NAP H . 0.84 1.60 14.73
C1B NAP H . 2.93 2.93 14.28
C1B NAP H . 2.67 3.05 14.12
N9A NAP H . 2.84 4.05 15.21
N9A NAP H . 2.60 4.23 14.97
C8A NAP H . 1.73 4.43 15.87
C8A NAP H . 1.50 4.92 15.36
N7A NAP H . 1.99 5.51 16.65
N7A NAP H . 1.86 5.97 16.13
C5A NAP H . 3.27 5.84 16.47
C5A NAP H . 3.20 5.94 16.21
C6A NAP H . 4.17 6.86 16.98
C6A NAP H . 4.21 6.75 16.83
N6A NAP H . 3.73 7.78 17.86
N6A NAP H . 3.85 7.80 17.56
N1A NAP H . 5.44 6.86 16.53
N1A NAP H . 5.50 6.40 16.65
C2A NAP H . 5.89 5.94 15.66
C2A NAP H . 5.88 5.33 15.94
N3A NAP H . 5.12 4.98 15.16
N3A NAP H . 5.00 4.55 15.32
C4A NAP H . 3.83 4.88 15.52
C4A NAP H . 3.68 4.80 15.44
O3 NAP H . 1.75 7.05 12.31
O3 NAP H . 1.18 7.35 12.04
PN NAP H . 1.59 8.64 12.09
PN NAP H . 0.84 8.88 11.60
O1N NAP H . 0.78 8.91 10.82
O1N NAP H . -0.64 9.03 11.28
O2N NAP H . 2.99 9.19 12.23
O2N NAP H . 1.84 9.24 10.51
O5D NAP H . 0.70 8.99 13.37
O5D NAP H . 1.23 9.62 13.00
C5D NAP H . 0.26 10.32 13.60
C5D NAP H . 2.57 9.63 13.56
C4D NAP H . 0.83 10.69 14.96
C4D NAP H . 3.09 11.00 14.09
O4D NAP H . 1.50 9.53 15.49
O4D NAP H . 3.29 12.00 13.07
C3D NAP H . 1.85 11.79 14.75
C3D NAP H . 2.18 11.64 15.14
O3D NAP H . 1.58 12.85 15.66
O3D NAP H . 2.89 11.76 16.38
C2D NAP H . 3.20 11.13 14.95
C2D NAP H . 1.77 13.02 14.63
O2D NAP H . 4.06 11.85 15.84
O2D NAP H . 2.07 14.08 15.55
C1D NAP H . 2.93 9.73 15.49
C1D NAP H . 2.51 13.20 13.31
N1N NAP H . 3.66 8.77 14.67
N1N NAP H . 1.52 13.47 12.24
C2N NAP H . 4.99 8.77 14.83
C2N NAP H . 0.94 14.68 12.14
C3N NAP H . 5.79 7.92 14.10
C3N NAP H . 0.00 14.92 11.15
C7N NAP H . 7.27 7.98 14.32
C7N NAP H . -0.66 16.26 11.00
O7N NAP H . 7.95 8.60 13.58
O7N NAP H . -0.35 17.16 11.77
N7N NAP H . 7.90 7.38 15.28
N7N NAP H . -1.57 16.47 10.05
C4N NAP H . 5.22 7.04 13.17
C4N NAP H . -0.35 13.89 10.28
C5N NAP H . 3.85 7.07 13.03
C5N NAP H . 0.24 12.66 10.41
C6N NAP H . 3.08 7.96 13.79
C6N NAP H . 1.17 12.48 11.41
P2B NAP H . -0.52 1.59 15.33
P2B NAP H . -0.68 1.61 15.33
O1X NAP H . -0.46 2.78 16.27
O1X NAP H . -0.52 2.57 16.48
O2X NAP H . -1.45 1.79 14.16
O2X NAP H . -1.67 2.04 14.25
O3X NAP H . -0.67 0.26 15.99
O3X NAP H . -0.81 0.16 15.67
CA CA I . 1.59 5.07 -15.85
CA CA J . 3.06 2.24 -18.00
PA NAP K . 7.43 5.33 -10.08
O1A NAP K . 7.20 4.73 -8.72
O2A NAP K . 8.38 4.62 -11.05
O5B NAP K . 6.05 5.57 -10.88
C5B NAP K . 4.89 5.90 -10.11
C4B NAP K . 3.74 6.37 -10.99
O4B NAP K . 4.18 7.47 -11.79
C3B NAP K . 3.28 5.28 -11.94
O3B NAP K . 1.89 5.40 -12.20
C2B NAP K . 4.11 5.60 -13.16
O2B NAP K . 3.58 5.10 -14.34
C1B NAP K . 4.12 7.11 -13.17
N9A NAP K . 5.29 7.71 -13.80
C8A NAP K . 6.44 7.15 -14.24
N7A NAP K . 7.29 8.12 -14.68
C5A NAP K . 6.68 9.29 -14.52
C6A NAP K . 6.99 10.69 -14.79
N6A NAP K . 8.17 11.03 -15.35
N1A NAP K . 6.08 11.60 -14.46
C2A NAP K . 4.91 11.28 -13.88
N3A NAP K . 4.54 10.03 -13.62
C4A NAP K . 5.38 9.02 -13.91
O3 NAP K . 7.88 6.80 -9.61
PN NAP K . 9.43 7.14 -9.35
O1N NAP K . 10.05 5.87 -8.76
O2N NAP K . 9.51 8.44 -8.63
O5D NAP K . 9.61 7.39 -10.94
C5D NAP K . 10.77 7.44 -11.80
C4D NAP K . 10.80 8.75 -12.59
O4D NAP K . 9.48 9.26 -12.90
C3D NAP K . 11.50 9.82 -11.78
O3D NAP K . 12.45 10.48 -12.61
C2D NAP K . 10.36 10.70 -11.24
O2D NAP K . 10.71 12.09 -11.18
C1D NAP K . 9.15 10.47 -12.16
N1N NAP K . 7.85 10.45 -11.39
C2N NAP K . 7.14 11.60 -11.11
C3N NAP K . 5.92 11.61 -10.37
C7N NAP K . 5.09 12.87 -10.06
O7N NAP K . 4.25 12.93 -9.15
N7N NAP K . 5.31 13.94 -10.85
C4N NAP K . 5.43 10.38 -9.91
C5N NAP K . 6.17 9.23 -10.20
C6N NAP K . 7.35 9.30 -10.92
P2B NAP K . 4.33 3.80 -14.94
O1X NAP K . 4.45 2.76 -13.84
O2X NAP K . 3.31 3.58 -16.07
O3X NAP K . 5.74 4.17 -15.31
#